data_8FEM
#
_entry.id   8FEM
#
_cell.length_a   119.177
_cell.length_b   119.177
_cell.length_c   56.906
_cell.angle_alpha   90.00
_cell.angle_beta   90.00
_cell.angle_gamma   90.00
#
_symmetry.space_group_name_H-M   'P 42 21 2'
#
loop_
_entity.id
_entity.type
_entity.pdbx_description
1 polymer 'Dihydroflavonol 4-Reductase'
2 non-polymer 'NADP NICOTINAMIDE-ADENINE-DINUCLEOTIDE PHOSPHATE'
3 water water
#
_entity_poly.entity_id   1
_entity_poly.type   'polypeptide(L)'
_entity_poly.pdbx_seq_one_letter_code
;MAEVIVSGGGEAMEGGAAAKGPVVVTGAAGFVGSWLVRKLLRAGYAVRATVRDPANVGKTKPLLDLPGAAERLSIWKADL
TEEGSFDDAIKGCTGVFHVATPMDFESKDPENEVIKPTVEGVLSIMRACKEAGTVRRVVFTSTAGAVNVEERQKPVYDEN
NWSDVDFCRRVKMTGWMYFVSKTLADKAAIAYAAEHGMDLISVIPPLVIGPFISAGMPPSLLTALALITGNEPHYSILKQ
VQFVHLDDLCDAEIFLFEHPAAAGRYVCSSHATTIHGLAAMLRERYPEYRIPERFRGIDDGDLQPVHFSSKKLLDLGFAF
KYTVEDMYDAAIRTCREKGLIPLATAGGDGPGETDAALGREGPAIG
;
_entity_poly.pdbx_strand_id   A
#
loop_
_chem_comp.id
_chem_comp.type
_chem_comp.name
_chem_comp.formula
NAP non-polymer 'NADP NICOTINAMIDE-ADENINE-DINUCLEOTIDE PHOSPHATE' 'C21 H28 N7 O17 P3'
#
# COMPACT_ATOMS: atom_id res chain seq x y z
N ALA A 17 12.32 -6.06 28.87
CA ALA A 17 12.29 -5.06 27.80
C ALA A 17 10.88 -4.51 27.63
N ALA A 18 10.76 -3.19 27.61
CA ALA A 18 9.46 -2.53 27.51
C ALA A 18 9.02 -2.40 26.06
N ALA A 19 7.74 -2.62 25.82
CA ALA A 19 7.20 -2.51 24.46
C ALA A 19 7.42 -1.11 23.92
N LYS A 20 7.84 -1.03 22.66
CA LYS A 20 8.03 0.26 22.02
C LYS A 20 6.70 1.00 21.93
N GLY A 21 6.75 2.31 22.22
CA GLY A 21 5.58 3.15 22.35
C GLY A 21 4.43 2.69 21.48
N PRO A 22 3.23 2.64 22.05
CA PRO A 22 2.09 2.07 21.32
C PRO A 22 1.91 2.80 19.99
N VAL A 23 1.72 2.02 18.93
CA VAL A 23 1.51 2.56 17.59
C VAL A 23 0.22 1.98 17.04
N VAL A 24 -0.49 2.79 16.26
CA VAL A 24 -1.74 2.39 15.63
C VAL A 24 -1.48 1.95 14.20
N VAL A 25 -2.19 0.93 13.75
CA VAL A 25 -2.21 0.51 12.35
C VAL A 25 -3.67 0.53 11.91
N THR A 26 -4.03 1.48 11.05
CA THR A 26 -5.39 1.54 10.54
C THR A 26 -5.56 0.50 9.43
N GLY A 27 -6.80 0.02 9.28
CA GLY A 27 -7.06 -1.01 8.28
C GLY A 27 -6.27 -2.27 8.51
N ALA A 28 -6.15 -2.70 9.76
CA ALA A 28 -5.26 -3.81 10.09
C ALA A 28 -5.72 -5.12 9.51
N ALA A 29 -7.01 -5.26 9.20
CA ALA A 29 -7.51 -6.50 8.62
C ALA A 29 -7.14 -6.69 7.16
N GLY A 30 -6.54 -5.69 6.52
CA GLY A 30 -6.28 -5.73 5.10
C GLY A 30 -4.98 -6.39 4.72
N PHE A 31 -4.70 -6.37 3.42
CA PHE A 31 -3.52 -7.03 2.87
C PHE A 31 -2.23 -6.41 3.42
N VAL A 32 -2.08 -5.10 3.26
CA VAL A 32 -0.87 -4.44 3.76
C VAL A 32 -0.92 -4.33 5.28
N GLY A 33 -2.05 -3.87 5.81
CA GLY A 33 -2.14 -3.59 7.23
C GLY A 33 -1.84 -4.80 8.09
N SER A 34 -2.43 -5.95 7.74
CA SER A 34 -2.25 -7.14 8.56
C SER A 34 -0.79 -7.54 8.63
N TRP A 35 -0.07 -7.43 7.50
CA TRP A 35 1.36 -7.79 7.53
C TRP A 35 2.16 -6.75 8.31
N LEU A 36 1.77 -5.48 8.24
CA LEU A 36 2.47 -4.46 9.01
C LEU A 36 2.31 -4.71 10.51
N VAL A 37 1.11 -5.12 10.94
CA VAL A 37 0.90 -5.49 12.33
C VAL A 37 1.86 -6.61 12.74
N ARG A 38 1.98 -7.62 11.87
CA ARG A 38 2.91 -8.72 12.14
C ARG A 38 4.32 -8.20 12.37
N LYS A 39 4.78 -7.30 11.51
CA LYS A 39 6.17 -6.85 11.57
C LYS A 39 6.40 -5.90 12.74
N LEU A 40 5.42 -5.06 13.06
CA LEU A 40 5.56 -4.18 14.22
C LEU A 40 5.61 -4.99 15.51
N LEU A 41 4.77 -6.03 15.62
CA LEU A 41 4.86 -6.92 16.77
C LEU A 41 6.24 -7.57 16.85
N ARG A 42 6.74 -8.05 15.72
CA ARG A 42 8.05 -8.71 15.74
C ARG A 42 9.16 -7.75 16.17
N ALA A 43 9.00 -6.46 15.91
CA ALA A 43 10.01 -5.47 16.24
C ALA A 43 9.89 -4.95 17.66
N GLY A 44 8.97 -5.48 18.46
CA GLY A 44 8.87 -5.13 19.87
C GLY A 44 7.87 -4.06 20.20
N TYR A 45 6.99 -3.71 19.27
CA TYR A 45 6.00 -2.67 19.50
C TYR A 45 4.75 -3.24 20.14
N ALA A 46 4.08 -2.42 20.94
CA ALA A 46 2.68 -2.63 21.26
C ALA A 46 1.86 -2.04 20.12
N VAL A 47 1.03 -2.85 19.48
CA VAL A 47 0.29 -2.46 18.29
C VAL A 47 -1.18 -2.34 18.64
N ARG A 48 -1.79 -1.23 18.25
CA ARG A 48 -3.24 -1.03 18.37
C ARG A 48 -3.84 -1.13 16.98
N ALA A 49 -4.42 -2.29 16.66
CA ALA A 49 -4.99 -2.56 15.35
C ALA A 49 -6.42 -2.06 15.29
N THR A 50 -6.72 -1.23 14.31
CA THR A 50 -8.06 -0.69 14.14
C THR A 50 -8.74 -1.37 12.95
N VAL A 51 -10.02 -1.68 13.12
CA VAL A 51 -10.85 -2.30 12.10
C VAL A 51 -12.25 -1.71 12.21
N ARG A 52 -12.99 -1.77 11.11
CA ARG A 52 -14.33 -1.19 11.12
C ARG A 52 -15.30 -1.97 12.01
N ASP A 53 -15.03 -3.26 12.24
CA ASP A 53 -15.91 -4.10 13.05
C ASP A 53 -15.07 -5.17 13.71
N PRO A 54 -14.68 -4.98 14.97
CA PRO A 54 -13.93 -6.04 15.67
C PRO A 54 -14.79 -7.26 16.00
N ALA A 55 -16.11 -7.14 15.92
CA ALA A 55 -16.98 -8.29 16.18
C ALA A 55 -16.95 -9.29 15.05
N ASN A 56 -16.50 -8.90 13.86
CA ASN A 56 -16.33 -9.83 12.75
C ASN A 56 -15.17 -10.76 13.04
N VAL A 57 -15.46 -11.89 13.69
CA VAL A 57 -14.40 -12.83 14.08
C VAL A 57 -13.62 -13.31 12.87
N GLY A 58 -14.25 -13.35 11.70
CA GLY A 58 -13.55 -13.82 10.52
C GLY A 58 -12.34 -12.98 10.18
N LYS A 59 -12.52 -11.65 10.15
CA LYS A 59 -11.43 -10.76 9.79
C LYS A 59 -10.48 -10.51 10.95
N THR A 60 -10.97 -10.62 12.19
CA THR A 60 -10.12 -10.32 13.34
C THR A 60 -9.24 -11.49 13.72
N LYS A 61 -9.72 -12.71 13.52
CA LYS A 61 -8.98 -13.89 14.00
C LYS A 61 -7.55 -13.94 13.46
N PRO A 62 -7.29 -13.68 12.17
CA PRO A 62 -5.90 -13.75 11.70
C PRO A 62 -4.95 -12.83 12.46
N LEU A 63 -5.45 -11.67 12.90
CA LEU A 63 -4.60 -10.75 13.64
C LEU A 63 -4.27 -11.30 15.03
N LEU A 64 -5.29 -11.72 15.77
CA LEU A 64 -5.07 -12.26 17.11
C LEU A 64 -4.20 -13.51 17.08
N ASP A 65 -4.14 -14.20 15.95
CA ASP A 65 -3.31 -15.39 15.80
C ASP A 65 -1.84 -15.08 15.57
N LEU A 66 -1.47 -13.80 15.53
CA LEU A 66 -0.11 -13.44 15.13
C LEU A 66 0.88 -13.64 16.26
N PRO A 67 2.15 -13.93 15.92
CA PRO A 67 3.17 -14.07 16.96
C PRO A 67 3.31 -12.81 17.80
N GLY A 68 3.11 -12.95 19.10
CA GLY A 68 3.21 -11.84 20.02
C GLY A 68 1.94 -11.04 20.19
N ALA A 69 0.87 -11.38 19.47
CA ALA A 69 -0.35 -10.59 19.56
C ALA A 69 -0.99 -10.72 20.94
N ALA A 70 -0.84 -11.88 21.59
CA ALA A 70 -1.49 -12.09 22.87
C ALA A 70 -1.02 -11.07 23.90
N GLU A 71 0.26 -10.69 23.85
CA GLU A 71 0.81 -9.79 24.85
C GLU A 71 0.72 -8.33 24.45
N ARG A 72 0.82 -8.03 23.14
CA ARG A 72 1.05 -6.65 22.71
C ARG A 72 0.13 -6.18 21.60
N LEU A 73 -0.86 -6.96 21.21
CA LEU A 73 -1.84 -6.54 20.21
C LEU A 73 -3.19 -6.28 20.86
N SER A 74 -3.82 -5.18 20.48
CA SER A 74 -5.18 -4.85 20.86
C SER A 74 -5.94 -4.43 19.61
N ILE A 75 -7.24 -4.74 19.57
CA ILE A 75 -8.09 -4.45 18.43
C ILE A 75 -9.05 -3.33 18.80
N TRP A 76 -9.20 -2.35 17.92
CA TRP A 76 -10.03 -1.18 18.18
C TRP A 76 -11.00 -0.97 17.03
N LYS A 77 -12.18 -0.46 17.35
CA LYS A 77 -13.20 -0.15 16.36
C LYS A 77 -13.06 1.31 15.93
N ALA A 78 -12.98 1.52 14.62
CA ALA A 78 -12.85 2.88 14.09
C ALA A 78 -13.26 2.86 12.62
N ASP A 79 -13.75 4.00 12.15
CA ASP A 79 -14.19 4.15 10.77
C ASP A 79 -13.82 5.54 10.30
N LEU A 80 -13.27 5.62 9.07
CA LEU A 80 -12.80 6.89 8.54
C LEU A 80 -13.94 7.87 8.31
N THR A 81 -15.17 7.39 8.17
CA THR A 81 -16.33 8.24 7.95
C THR A 81 -17.00 8.66 9.26
N GLU A 82 -16.39 8.36 10.40
CA GLU A 82 -16.96 8.58 11.72
C GLU A 82 -16.00 9.45 12.51
N GLU A 83 -16.23 10.76 12.48
CA GLU A 83 -15.35 11.71 13.16
C GLU A 83 -15.13 11.28 14.61
N GLY A 84 -13.87 11.27 15.02
CA GLY A 84 -13.51 10.98 16.39
C GLY A 84 -13.36 9.53 16.73
N SER A 85 -13.76 8.62 15.84
CA SER A 85 -13.70 7.19 16.16
C SER A 85 -12.28 6.68 16.36
N PHE A 86 -11.27 7.43 15.93
CA PHE A 86 -9.88 7.05 16.13
C PHE A 86 -9.27 7.72 17.35
N ASP A 87 -10.00 8.61 18.03
CA ASP A 87 -9.41 9.36 19.14
C ASP A 87 -8.90 8.42 20.23
N ASP A 88 -9.72 7.45 20.64
CA ASP A 88 -9.33 6.59 21.75
C ASP A 88 -8.11 5.73 21.39
N ALA A 89 -8.08 5.19 20.18
CA ALA A 89 -6.98 4.31 19.80
C ALA A 89 -5.67 5.10 19.68
N ILE A 90 -5.72 6.32 19.16
CA ILE A 90 -4.50 7.09 18.98
C ILE A 90 -3.99 7.66 20.28
N LYS A 91 -4.90 7.96 21.21
CA LYS A 91 -4.53 8.59 22.47
C LYS A 91 -3.48 7.76 23.21
N GLY A 92 -2.33 8.36 23.46
CA GLY A 92 -1.24 7.68 24.11
C GLY A 92 -0.24 7.03 23.18
N CYS A 93 -0.50 7.03 21.88
CA CYS A 93 0.41 6.42 20.92
C CYS A 93 1.52 7.39 20.52
N THR A 94 2.67 6.83 20.19
CA THR A 94 3.78 7.62 19.67
C THR A 94 3.79 7.69 18.13
N GLY A 95 3.08 6.78 17.46
CA GLY A 95 3.09 6.76 16.01
C GLY A 95 1.80 6.17 15.47
N VAL A 96 1.43 6.59 14.27
CA VAL A 96 0.23 6.14 13.60
C VAL A 96 0.58 5.78 12.16
N PHE A 97 0.31 4.54 11.78
CA PHE A 97 0.51 4.08 10.40
C PHE A 97 -0.87 4.02 9.74
N HIS A 98 -1.15 4.99 8.87
CA HIS A 98 -2.46 5.09 8.22
C HIS A 98 -2.42 4.31 6.92
N VAL A 99 -2.89 3.06 6.96
CA VAL A 99 -2.97 2.22 5.79
C VAL A 99 -4.36 2.09 5.22
N ALA A 100 -5.41 2.29 6.03
CA ALA A 100 -6.76 2.16 5.55
C ALA A 100 -7.08 3.23 4.51
N THR A 101 -7.92 2.85 3.55
CA THR A 101 -8.46 3.79 2.57
C THR A 101 -9.73 3.18 1.99
N PRO A 102 -10.70 4.01 1.62
CA PRO A 102 -11.93 3.46 1.00
C PRO A 102 -11.63 2.88 -0.38
N MET A 103 -12.19 1.70 -0.65
CA MET A 103 -11.90 0.96 -1.87
C MET A 103 -13.18 0.49 -2.54
N ASP A 104 -14.08 1.42 -2.79
CA ASP A 104 -15.33 1.09 -3.44
C ASP A 104 -15.39 1.94 -4.66
N PHE A 105 -14.64 1.57 -5.68
CA PHE A 105 -14.56 2.40 -6.86
C PHE A 105 -15.59 2.01 -7.93
N GLU A 106 -16.85 1.93 -7.56
CA GLU A 106 -17.91 1.57 -8.51
C GLU A 106 -19.20 2.33 -8.21
N SER A 107 -19.08 3.57 -7.78
CA SER A 107 -20.23 4.40 -7.46
C SER A 107 -20.52 5.39 -8.59
N LYS A 108 -21.63 6.12 -8.45
CA LYS A 108 -22.07 7.06 -9.46
C LYS A 108 -21.78 8.51 -9.11
N ASP A 109 -21.30 8.78 -7.90
CA ASP A 109 -20.88 10.12 -7.48
C ASP A 109 -19.49 10.01 -6.86
N PRO A 110 -18.49 9.61 -7.65
CA PRO A 110 -17.16 9.35 -7.07
C PRO A 110 -16.61 10.52 -6.29
N GLU A 111 -16.95 11.75 -6.67
CA GLU A 111 -16.46 12.92 -5.94
C GLU A 111 -16.92 12.87 -4.49
N ASN A 112 -18.19 12.55 -4.29
CA ASN A 112 -18.75 12.60 -2.95
C ASN A 112 -18.77 11.28 -2.23
N GLU A 113 -18.61 10.20 -2.96
CA GLU A 113 -18.65 8.87 -2.36
C GLU A 113 -17.28 8.22 -2.20
N VAL A 114 -16.25 8.74 -2.86
CA VAL A 114 -14.93 8.13 -2.80
C VAL A 114 -13.86 9.19 -2.53
N ILE A 115 -13.86 10.25 -3.34
CA ILE A 115 -12.78 11.22 -3.27
C ILE A 115 -12.84 12.01 -1.97
N LYS A 116 -13.91 12.77 -1.78
CA LYS A 116 -14.04 13.55 -0.54
C LYS A 116 -13.97 12.68 0.70
N PRO A 117 -14.62 11.52 0.77
CA PRO A 117 -14.45 10.67 1.95
C PRO A 117 -13.01 10.26 2.20
N THR A 118 -12.24 10.01 1.14
CA THR A 118 -10.84 9.62 1.33
C THR A 118 -10.02 10.79 1.88
N VAL A 119 -10.30 12.01 1.42
CA VAL A 119 -9.53 13.15 1.90
C VAL A 119 -9.99 13.56 3.30
N GLU A 120 -11.29 13.48 3.58
CA GLU A 120 -11.76 13.79 4.92
C GLU A 120 -11.30 12.76 5.93
N GLY A 121 -11.16 11.51 5.51
CA GLY A 121 -10.70 10.47 6.42
C GLY A 121 -9.25 10.65 6.83
N VAL A 122 -8.38 11.02 5.89
CA VAL A 122 -6.98 11.22 6.24
C VAL A 122 -6.81 12.49 7.07
N LEU A 123 -7.57 13.53 6.78
CA LEU A 123 -7.47 14.77 7.55
C LEU A 123 -7.98 14.58 8.98
N SER A 124 -9.05 13.79 9.15
CA SER A 124 -9.54 13.53 10.49
C SER A 124 -8.52 12.71 11.29
N ILE A 125 -7.83 11.78 10.64
CA ILE A 125 -6.73 11.07 11.28
C ILE A 125 -5.69 12.05 11.79
N MET A 126 -5.32 13.03 10.95
CA MET A 126 -4.32 14.00 11.35
C MET A 126 -4.79 14.84 12.53
N ARG A 127 -6.06 15.25 12.51
CA ARG A 127 -6.61 16.01 13.63
C ARG A 127 -6.52 15.20 14.92
N ALA A 128 -6.96 13.94 14.88
CA ALA A 128 -6.89 13.09 16.06
C ALA A 128 -5.46 12.96 16.57
N CYS A 129 -4.49 12.88 15.66
CA CYS A 129 -3.10 12.79 16.06
C CYS A 129 -2.64 14.04 16.77
N LYS A 130 -3.01 15.22 16.24
CA LYS A 130 -2.66 16.47 16.89
C LYS A 130 -3.28 16.57 18.27
N GLU A 131 -4.59 16.30 18.37
CA GLU A 131 -5.27 16.37 19.66
C GLU A 131 -4.61 15.46 20.68
N ALA A 132 -4.22 14.25 20.28
CA ALA A 132 -3.60 13.32 21.21
C ALA A 132 -2.39 13.93 21.88
N GLY A 133 -1.58 14.68 21.13
CA GLY A 133 -0.37 15.27 21.66
C GLY A 133 0.80 14.31 21.81
N THR A 134 0.55 13.01 21.89
CA THR A 134 1.61 12.04 22.13
C THR A 134 2.27 11.54 20.86
N VAL A 135 1.65 11.75 19.71
CA VAL A 135 2.17 11.22 18.45
C VAL A 135 3.34 12.08 18.00
N ARG A 136 4.50 11.46 17.82
CA ARG A 136 5.67 12.17 17.30
C ARG A 136 5.77 12.09 15.78
N ARG A 137 5.15 11.10 15.15
CA ARG A 137 5.30 10.93 13.70
C ARG A 137 4.13 10.12 13.15
N VAL A 138 3.63 10.56 12.01
CA VAL A 138 2.59 9.85 11.27
C VAL A 138 3.21 9.31 9.99
N VAL A 139 2.90 8.06 9.66
CA VAL A 139 3.36 7.42 8.43
C VAL A 139 2.15 7.11 7.59
N PHE A 140 1.96 7.86 6.50
CA PHE A 140 0.84 7.69 5.59
C PHE A 140 1.27 6.85 4.41
N THR A 141 0.48 5.82 4.09
CA THR A 141 0.74 4.98 2.94
C THR A 141 0.02 5.56 1.73
N SER A 142 0.79 6.09 0.77
CA SER A 142 0.21 6.65 -0.46
C SER A 142 0.16 5.55 -1.52
N THR A 143 0.44 5.92 -2.77
CA THR A 143 0.42 4.93 -3.85
C THR A 143 1.12 5.54 -5.05
N ALA A 144 1.69 4.67 -5.89
CA ALA A 144 2.33 5.13 -7.12
C ALA A 144 1.37 5.92 -8.00
N GLY A 145 0.07 5.65 -7.89
CA GLY A 145 -0.91 6.40 -8.64
C GLY A 145 -0.98 7.87 -8.30
N ALA A 146 -0.36 8.29 -7.20
CA ALA A 146 -0.27 9.69 -6.84
C ALA A 146 1.00 10.35 -7.37
N VAL A 147 1.76 9.66 -8.23
CA VAL A 147 3.06 10.13 -8.69
C VAL A 147 3.10 10.28 -10.20
N ASN A 148 2.63 9.27 -10.94
CA ASN A 148 2.95 9.14 -12.36
C ASN A 148 1.73 9.05 -13.26
N VAL A 149 0.55 9.44 -12.78
CA VAL A 149 -0.65 9.44 -13.61
C VAL A 149 -0.73 10.83 -14.24
N GLU A 150 -0.18 10.95 -15.44
CA GLU A 150 -0.23 12.19 -16.20
C GLU A 150 -0.32 11.81 -17.68
N GLU A 151 -0.53 12.82 -18.52
CA GLU A 151 -0.71 12.56 -19.95
C GLU A 151 0.61 12.13 -20.61
N ARG A 152 1.71 12.77 -20.24
CA ARG A 152 3.03 12.48 -20.81
C ARG A 152 3.83 11.66 -19.80
N GLN A 153 3.94 10.37 -20.05
CA GLN A 153 4.69 9.50 -19.15
C GLN A 153 6.18 9.78 -19.25
N LYS A 154 6.83 9.96 -18.10
CA LYS A 154 8.26 10.19 -18.03
C LYS A 154 9.00 8.86 -17.83
N PRO A 155 10.31 8.83 -18.12
CA PRO A 155 11.06 7.58 -17.94
C PRO A 155 11.44 7.28 -16.50
N VAL A 156 11.53 8.29 -15.63
CA VAL A 156 11.84 8.09 -14.22
C VAL A 156 10.94 8.98 -13.39
N TYR A 157 10.39 8.43 -12.31
CA TYR A 157 9.58 9.17 -11.36
C TYR A 157 10.18 9.01 -9.98
N ASP A 158 10.12 10.08 -9.18
CA ASP A 158 10.52 10.02 -7.79
C ASP A 158 9.48 10.74 -6.94
N GLU A 159 9.81 10.94 -5.66
CA GLU A 159 8.86 11.52 -4.71
C GLU A 159 8.47 12.94 -5.04
N ASN A 160 9.14 13.58 -6.00
CA ASN A 160 8.83 14.95 -6.37
C ASN A 160 7.80 15.05 -7.48
N ASN A 161 7.41 13.93 -8.10
CA ASN A 161 6.41 13.93 -9.14
C ASN A 161 5.03 13.71 -8.55
N TRP A 162 4.04 14.44 -9.08
CA TRP A 162 2.66 14.36 -8.61
C TRP A 162 1.73 14.09 -9.77
N SER A 163 0.80 13.16 -9.57
CA SER A 163 -0.19 12.86 -10.59
C SER A 163 -0.98 14.11 -10.95
N ASP A 164 -1.45 14.16 -12.19
CA ASP A 164 -2.22 15.29 -12.70
C ASP A 164 -3.69 15.01 -12.44
N VAL A 165 -4.20 15.58 -11.34
CA VAL A 165 -5.58 15.32 -10.95
C VAL A 165 -6.55 15.84 -12.00
N ASP A 166 -6.28 17.01 -12.56
CA ASP A 166 -7.12 17.54 -13.63
C ASP A 166 -7.18 16.56 -14.80
N PHE A 167 -6.03 16.04 -15.19
CA PHE A 167 -5.98 15.06 -16.27
C PHE A 167 -6.85 13.85 -15.95
N CYS A 168 -6.79 13.37 -14.69
CA CYS A 168 -7.57 12.20 -14.31
C CYS A 168 -9.07 12.46 -14.45
N ARG A 169 -9.52 13.63 -13.97
CA ARG A 169 -10.95 13.96 -14.06
C ARG A 169 -11.37 14.22 -15.50
N ARG A 170 -10.42 14.51 -16.40
CA ARG A 170 -10.77 14.78 -17.79
C ARG A 170 -10.99 13.49 -18.56
N VAL A 171 -9.97 12.63 -18.63
CA VAL A 171 -10.06 11.41 -19.41
C VAL A 171 -10.69 10.25 -18.64
N LYS A 172 -10.65 10.28 -17.32
CA LYS A 172 -11.31 9.31 -16.46
C LYS A 172 -10.95 7.87 -16.86
N MET A 173 -9.64 7.61 -16.89
CA MET A 173 -9.17 6.26 -17.10
C MET A 173 -9.69 5.34 -16.00
N THR A 174 -9.51 4.04 -16.22
CA THR A 174 -9.92 3.06 -15.22
C THR A 174 -9.15 3.29 -13.92
N GLY A 175 -9.87 3.41 -12.82
CA GLY A 175 -9.26 3.70 -11.54
C GLY A 175 -8.95 5.16 -11.31
N TRP A 176 -9.57 6.06 -12.06
CA TRP A 176 -9.25 7.48 -11.92
C TRP A 176 -9.67 8.00 -10.54
N MET A 177 -10.81 7.54 -10.03
CA MET A 177 -11.27 8.00 -8.73
C MET A 177 -10.29 7.62 -7.62
N TYR A 178 -9.55 6.53 -7.80
CA TYR A 178 -8.57 6.12 -6.82
C TYR A 178 -7.31 6.97 -6.90
N PHE A 179 -6.84 7.26 -8.12
CA PHE A 179 -5.66 8.10 -8.28
C PHE A 179 -5.88 9.48 -7.68
N VAL A 180 -7.04 10.09 -7.96
CA VAL A 180 -7.30 11.43 -7.44
C VAL A 180 -7.52 11.37 -5.93
N SER A 181 -8.22 10.34 -5.45
CA SER A 181 -8.42 10.17 -4.02
C SER A 181 -7.08 10.17 -3.27
N LYS A 182 -6.16 9.30 -3.68
CA LYS A 182 -4.89 9.19 -2.99
C LYS A 182 -4.02 10.42 -3.21
N THR A 183 -4.06 10.99 -4.42
CA THR A 183 -3.25 12.16 -4.69
C THR A 183 -3.68 13.34 -3.84
N LEU A 184 -5.00 13.57 -3.76
CA LEU A 184 -5.50 14.69 -2.95
C LEU A 184 -5.29 14.42 -1.45
N ALA A 185 -5.50 13.16 -1.02
CA ALA A 185 -5.27 12.82 0.37
C ALA A 185 -3.79 12.98 0.74
N ASP A 186 -2.91 12.52 -0.15
CA ASP A 186 -1.48 12.70 0.07
C ASP A 186 -1.13 14.19 0.22
N LYS A 187 -1.59 15.01 -0.72
CA LYS A 187 -1.29 16.45 -0.66
C LYS A 187 -1.92 17.08 0.58
N ALA A 188 -3.15 16.68 0.92
CA ALA A 188 -3.83 17.28 2.06
C ALA A 188 -3.13 16.92 3.37
N ALA A 189 -2.73 15.66 3.53
CA ALA A 189 -2.01 15.25 4.73
C ALA A 189 -0.73 16.05 4.91
N ILE A 190 0.01 16.26 3.82
CA ILE A 190 1.26 17.02 3.91
C ILE A 190 0.97 18.46 4.29
N ALA A 191 -0.01 19.07 3.63
CA ALA A 191 -0.35 20.46 3.91
C ALA A 191 -0.79 20.62 5.36
N TYR A 192 -1.62 19.71 5.86
CA TYR A 192 -2.05 19.79 7.25
C TYR A 192 -0.85 19.66 8.19
N ALA A 193 0.04 18.71 7.91
CA ALA A 193 1.21 18.51 8.76
C ALA A 193 2.04 19.78 8.82
N ALA A 194 2.41 20.33 7.66
CA ALA A 194 3.23 21.53 7.64
C ALA A 194 2.54 22.67 8.36
N GLU A 195 1.22 22.80 8.19
CA GLU A 195 0.51 23.92 8.81
C GLU A 195 0.50 23.82 10.33
N HIS A 196 0.55 22.61 10.88
CA HIS A 196 0.50 22.40 12.32
C HIS A 196 1.80 21.82 12.87
N GLY A 197 2.89 21.92 12.11
CA GLY A 197 4.18 21.49 12.60
C GLY A 197 4.28 20.03 12.94
N MET A 198 3.55 19.18 12.22
CA MET A 198 3.55 17.75 12.51
C MET A 198 4.58 17.03 11.64
N ASP A 199 5.06 15.90 12.16
CA ASP A 199 6.04 15.07 11.47
C ASP A 199 5.28 13.99 10.70
N LEU A 200 5.25 14.11 9.37
CA LEU A 200 4.50 13.20 8.53
C LEU A 200 5.42 12.58 7.48
N ILE A 201 5.40 11.26 7.40
CA ILE A 201 6.10 10.50 6.36
C ILE A 201 5.05 9.94 5.41
N SER A 202 5.30 10.08 4.12
CA SER A 202 4.41 9.59 3.07
C SER A 202 5.18 8.57 2.25
N VAL A 203 4.74 7.31 2.28
CA VAL A 203 5.42 6.21 1.62
C VAL A 203 4.63 5.82 0.38
N ILE A 204 5.31 5.79 -0.77
CA ILE A 204 4.69 5.52 -2.06
C ILE A 204 5.08 4.13 -2.54
N PRO A 205 4.22 3.13 -2.38
CA PRO A 205 4.54 1.81 -2.91
C PRO A 205 3.91 1.62 -4.28
N PRO A 206 4.57 0.86 -5.17
CA PRO A 206 3.91 0.46 -6.42
C PRO A 206 2.97 -0.73 -6.17
N LEU A 207 2.83 -1.62 -7.14
CA LEU A 207 2.07 -2.84 -6.91
C LEU A 207 2.79 -3.70 -5.87
N VAL A 208 2.09 -4.04 -4.79
CA VAL A 208 2.68 -4.76 -3.66
C VAL A 208 2.34 -6.23 -3.80
N ILE A 209 3.36 -7.08 -3.72
CA ILE A 209 3.21 -8.51 -3.89
C ILE A 209 3.88 -9.20 -2.72
N GLY A 210 3.23 -10.25 -2.21
CA GLY A 210 3.77 -11.03 -1.12
C GLY A 210 2.71 -11.91 -0.50
N PRO A 211 3.05 -12.56 0.61
CA PRO A 211 2.05 -13.42 1.28
C PRO A 211 0.90 -12.59 1.81
N PHE A 212 -0.26 -13.23 1.92
CA PHE A 212 -1.44 -12.64 2.53
C PHE A 212 -2.03 -13.64 3.52
N ILE A 213 -2.77 -13.11 4.48
CA ILE A 213 -3.41 -13.94 5.49
C ILE A 213 -4.91 -14.07 5.28
N SER A 214 -5.53 -13.17 4.53
CA SER A 214 -6.96 -13.29 4.24
C SER A 214 -7.21 -14.51 3.35
N ALA A 215 -8.43 -15.05 3.46
CA ALA A 215 -8.82 -16.18 2.63
C ALA A 215 -9.17 -15.79 1.21
N GLY A 216 -9.14 -14.49 0.89
CA GLY A 216 -9.42 -14.01 -0.45
C GLY A 216 -8.18 -13.42 -1.07
N MET A 217 -8.13 -13.43 -2.40
CA MET A 217 -6.95 -12.94 -3.12
C MET A 217 -6.84 -11.43 -2.99
N PRO A 218 -5.72 -10.90 -2.54
CA PRO A 218 -5.54 -9.44 -2.52
C PRO A 218 -5.70 -8.86 -3.92
N PRO A 219 -6.32 -7.70 -4.05
CA PRO A 219 -6.49 -7.13 -5.40
C PRO A 219 -5.17 -6.92 -6.14
N SER A 220 -4.07 -6.70 -5.43
CA SER A 220 -2.79 -6.49 -6.10
C SER A 220 -2.26 -7.78 -6.71
N LEU A 221 -2.62 -8.93 -6.13
CA LEU A 221 -2.18 -10.20 -6.70
C LEU A 221 -3.02 -10.62 -7.90
N LEU A 222 -4.30 -10.21 -7.95
CA LEU A 222 -5.08 -10.41 -9.15
C LEU A 222 -4.39 -9.80 -10.36
N THR A 223 -3.80 -8.60 -10.19
CA THR A 223 -3.02 -8.00 -11.27
C THR A 223 -1.70 -8.73 -11.46
N ALA A 224 -0.96 -8.96 -10.37
CA ALA A 224 0.36 -9.55 -10.49
C ALA A 224 0.32 -10.90 -11.19
N LEU A 225 -0.75 -11.68 -10.95
CA LEU A 225 -0.87 -13.03 -11.47
C LEU A 225 -1.78 -13.11 -12.70
N ALA A 226 -2.06 -11.98 -13.34
CA ALA A 226 -2.97 -11.97 -14.48
C ALA A 226 -2.40 -12.67 -15.70
N LEU A 227 -1.08 -12.84 -15.78
CA LEU A 227 -0.49 -13.56 -16.91
C LEU A 227 -0.61 -15.06 -16.72
N ILE A 228 -0.39 -15.55 -15.51
CA ILE A 228 -0.55 -16.98 -15.24
C ILE A 228 -2.01 -17.38 -15.39
N THR A 229 -2.90 -16.63 -14.74
CA THR A 229 -4.32 -16.76 -15.00
C THR A 229 -4.62 -16.06 -16.33
N GLY A 230 -5.90 -15.89 -16.65
CA GLY A 230 -6.26 -15.20 -17.87
C GLY A 230 -6.97 -13.90 -17.61
N ASN A 231 -6.47 -13.12 -16.65
CA ASN A 231 -7.12 -11.88 -16.22
C ASN A 231 -6.71 -10.77 -17.16
N GLU A 232 -7.39 -10.71 -18.29
CA GLU A 232 -7.04 -9.81 -19.38
C GLU A 232 -7.26 -8.33 -19.06
N PRO A 233 -8.27 -7.96 -18.28
CA PRO A 233 -8.44 -6.53 -17.96
C PRO A 233 -7.25 -5.95 -17.20
N HIS A 234 -6.47 -6.78 -16.53
CA HIS A 234 -5.30 -6.30 -15.80
C HIS A 234 -4.06 -6.17 -16.66
N TYR A 235 -4.11 -6.63 -17.93
CA TYR A 235 -2.94 -6.60 -18.78
C TYR A 235 -2.40 -5.18 -18.94
N SER A 236 -3.31 -4.21 -19.04
CA SER A 236 -2.88 -2.83 -19.25
C SER A 236 -2.09 -2.31 -18.06
N ILE A 237 -2.39 -2.82 -16.85
CA ILE A 237 -1.65 -2.40 -15.67
C ILE A 237 -0.23 -2.95 -15.72
N LEU A 238 -0.06 -4.19 -16.17
CA LEU A 238 1.27 -4.78 -16.26
C LEU A 238 2.08 -4.22 -17.41
N LYS A 239 1.45 -3.53 -18.35
CA LYS A 239 2.15 -2.98 -19.51
C LYS A 239 3.48 -2.35 -19.10
N GLN A 240 3.41 -1.37 -18.20
CA GLN A 240 4.60 -0.75 -17.60
C GLN A 240 4.34 -0.70 -16.10
N VAL A 241 4.97 -1.61 -15.35
CA VAL A 241 4.62 -1.86 -13.96
C VAL A 241 5.86 -1.83 -13.09
N GLN A 242 5.67 -1.49 -11.82
CA GLN A 242 6.69 -1.53 -10.80
C GLN A 242 6.21 -2.39 -9.63
N PHE A 243 7.15 -3.02 -8.94
CA PHE A 243 6.83 -3.97 -7.89
C PHE A 243 7.59 -3.65 -6.60
N VAL A 244 7.03 -4.13 -5.50
CA VAL A 244 7.73 -4.14 -4.22
C VAL A 244 7.19 -5.32 -3.42
N HIS A 245 8.09 -6.03 -2.74
CA HIS A 245 7.68 -7.11 -1.86
C HIS A 245 6.99 -6.54 -0.63
N LEU A 246 5.85 -7.14 -0.25
CA LEU A 246 5.10 -6.65 0.89
C LEU A 246 5.97 -6.54 2.13
N ASP A 247 6.86 -7.52 2.33
CA ASP A 247 7.75 -7.48 3.49
C ASP A 247 8.69 -6.30 3.42
N ASP A 248 9.29 -6.05 2.26
CA ASP A 248 10.14 -4.88 2.10
C ASP A 248 9.36 -3.60 2.40
N LEU A 249 8.13 -3.51 1.91
CA LEU A 249 7.34 -2.29 2.13
C LEU A 249 7.10 -2.06 3.60
N CYS A 250 6.68 -3.11 4.32
CA CYS A 250 6.41 -2.96 5.74
C CYS A 250 7.68 -2.63 6.52
N ASP A 251 8.79 -3.28 6.17
CA ASP A 251 10.05 -2.97 6.83
C ASP A 251 10.49 -1.53 6.56
N ALA A 252 10.29 -1.06 5.33
CA ALA A 252 10.61 0.34 5.02
C ALA A 252 9.76 1.29 5.84
N GLU A 253 8.48 0.98 6.03
CA GLU A 253 7.61 1.86 6.81
C GLU A 253 8.05 1.92 8.27
N ILE A 254 8.51 0.80 8.81
CA ILE A 254 9.04 0.81 10.18
C ILE A 254 10.37 1.55 10.22
N PHE A 255 11.24 1.29 9.24
CA PHE A 255 12.51 1.98 9.15
C PHE A 255 12.30 3.49 9.11
N LEU A 256 11.37 3.95 8.27
CA LEU A 256 11.18 5.40 8.12
C LEU A 256 10.55 6.01 9.36
N PHE A 257 9.78 5.23 10.12
CA PHE A 257 9.20 5.75 11.34
C PHE A 257 10.25 5.92 12.43
N GLU A 258 11.25 5.03 12.47
CA GLU A 258 12.26 5.05 13.52
C GLU A 258 13.43 5.96 13.23
N HIS A 259 13.72 6.24 11.97
CA HIS A 259 14.88 7.05 11.61
C HIS A 259 14.62 8.52 11.92
N PRO A 260 15.39 9.15 12.81
CA PRO A 260 15.09 10.54 13.17
C PRO A 260 15.23 11.51 12.00
N ALA A 261 16.06 11.19 11.01
CA ALA A 261 16.30 12.11 9.90
C ALA A 261 15.26 11.99 8.80
N ALA A 262 14.39 10.99 8.84
CA ALA A 262 13.40 10.80 7.77
C ALA A 262 12.41 11.96 7.77
N ALA A 263 11.93 12.30 6.58
CA ALA A 263 11.01 13.41 6.41
C ALA A 263 10.48 13.44 4.99
N GLY A 264 9.19 13.76 4.85
CA GLY A 264 8.59 13.95 3.54
C GLY A 264 8.18 12.65 2.87
N ARG A 265 8.09 12.72 1.54
CA ARG A 265 7.67 11.58 0.75
C ARG A 265 8.84 10.64 0.45
N TYR A 266 8.53 9.37 0.34
CA TYR A 266 9.52 8.35 0.02
C TYR A 266 8.91 7.35 -0.96
N VAL A 267 9.64 7.03 -2.01
CA VAL A 267 9.26 5.99 -2.95
C VAL A 267 9.82 4.67 -2.45
N CYS A 268 8.99 3.63 -2.47
CA CYS A 268 9.38 2.31 -2.00
C CYS A 268 9.08 1.29 -3.12
N SER A 269 9.89 1.34 -4.17
CA SER A 269 9.74 0.49 -5.34
C SER A 269 11.08 -0.18 -5.61
N SER A 270 11.07 -1.50 -5.73
CA SER A 270 12.29 -2.28 -5.86
C SER A 270 12.48 -2.90 -7.24
N HIS A 271 11.51 -2.79 -8.14
CA HIS A 271 11.62 -3.45 -9.44
C HIS A 271 10.68 -2.76 -10.42
N ALA A 272 11.18 -2.54 -11.64
CA ALA A 272 10.41 -1.98 -12.74
C ALA A 272 10.62 -2.85 -13.97
N THR A 273 9.54 -3.07 -14.72
CA THR A 273 9.62 -3.93 -15.89
C THR A 273 8.43 -3.64 -16.80
N THR A 274 8.29 -4.43 -17.86
CA THR A 274 7.19 -4.35 -18.79
C THR A 274 6.46 -5.71 -18.82
N ILE A 275 5.27 -5.70 -19.41
CA ILE A 275 4.53 -6.94 -19.54
C ILE A 275 5.35 -8.00 -20.27
N HIS A 276 6.03 -7.60 -21.35
CA HIS A 276 6.86 -8.52 -22.10
C HIS A 276 7.99 -9.08 -21.22
N GLY A 277 8.63 -8.22 -20.44
CA GLY A 277 9.70 -8.68 -19.57
C GLY A 277 9.20 -9.60 -18.47
N LEU A 278 8.01 -9.31 -17.93
CA LEU A 278 7.45 -10.17 -16.89
C LEU A 278 7.02 -11.51 -17.46
N ALA A 279 6.41 -11.51 -18.65
CA ALA A 279 6.03 -12.78 -19.28
C ALA A 279 7.25 -13.67 -19.48
N ALA A 280 8.38 -13.08 -19.85
CA ALA A 280 9.59 -13.88 -20.07
C ALA A 280 10.05 -14.54 -18.78
N MET A 281 10.12 -13.76 -17.69
CA MET A 281 10.61 -14.31 -16.43
C MET A 281 9.74 -15.48 -15.97
N LEU A 282 8.42 -15.34 -16.06
CA LEU A 282 7.54 -16.41 -15.63
C LEU A 282 7.62 -17.61 -16.56
N ARG A 283 7.89 -17.37 -17.84
CA ARG A 283 8.08 -18.48 -18.78
C ARG A 283 9.29 -19.31 -18.40
N GLU A 284 10.44 -18.64 -18.18
CA GLU A 284 11.66 -19.36 -17.86
C GLU A 284 11.63 -19.93 -16.45
N ARG A 285 10.85 -19.33 -15.54
CA ARG A 285 10.86 -19.73 -14.14
C ARG A 285 9.73 -20.67 -13.78
N TYR A 286 8.62 -20.65 -14.52
CA TYR A 286 7.48 -21.53 -14.25
C TYR A 286 7.03 -22.19 -15.55
N PRO A 287 7.84 -23.11 -16.09
CA PRO A 287 7.37 -23.92 -17.23
C PRO A 287 6.03 -24.60 -16.94
N GLU A 288 5.74 -24.82 -15.65
CA GLU A 288 4.50 -25.47 -15.26
C GLU A 288 3.27 -24.64 -15.61
N TYR A 289 3.42 -23.33 -15.79
CA TYR A 289 2.32 -22.45 -16.13
C TYR A 289 2.47 -21.98 -17.57
N ARG A 290 1.36 -21.95 -18.30
CA ARG A 290 1.34 -21.54 -19.69
C ARG A 290 1.27 -20.02 -19.76
N ILE A 291 2.35 -19.40 -20.21
CA ILE A 291 2.43 -17.94 -20.31
C ILE A 291 2.24 -17.58 -21.79
N PRO A 292 1.21 -16.80 -22.14
CA PRO A 292 1.03 -16.42 -23.54
C PRO A 292 2.17 -15.56 -24.05
N GLU A 293 2.16 -15.39 -25.37
CA GLU A 293 3.20 -14.65 -26.04
C GLU A 293 2.71 -13.33 -26.52
N ARG A 294 1.37 -13.21 -26.59
CA ARG A 294 0.73 -11.97 -27.01
C ARG A 294 -0.41 -11.65 -26.05
N PHE A 295 -0.68 -10.38 -25.79
CA PHE A 295 -1.68 -9.99 -24.80
C PHE A 295 -2.65 -9.01 -25.42
N ARG A 296 -3.94 -9.33 -25.31
CA ARG A 296 -4.97 -8.47 -25.89
C ARG A 296 -4.85 -7.06 -25.33
N GLY A 297 -5.19 -6.08 -26.17
CA GLY A 297 -5.09 -4.70 -25.79
C GLY A 297 -3.69 -4.13 -25.72
N ILE A 298 -2.67 -4.94 -26.01
CA ILE A 298 -1.28 -4.50 -25.96
C ILE A 298 -0.64 -4.88 -27.28
N ASP A 299 -0.26 -3.89 -28.08
CA ASP A 299 0.37 -4.15 -29.36
C ASP A 299 1.72 -4.84 -29.19
N ASP A 300 2.43 -5.06 -30.29
CA ASP A 300 3.76 -5.66 -30.26
C ASP A 300 4.86 -4.60 -30.47
N GLY A 301 4.71 -3.45 -29.82
CA GLY A 301 5.64 -2.35 -29.99
C GLY A 301 6.82 -2.43 -29.04
N ASP A 302 7.53 -1.31 -28.94
CA ASP A 302 8.69 -1.20 -28.07
C ASP A 302 8.24 -0.68 -26.72
N LEU A 303 8.30 -1.53 -25.71
CA LEU A 303 7.96 -1.16 -24.34
C LEU A 303 9.24 -1.10 -23.52
N GLN A 304 9.53 0.06 -22.96
CA GLN A 304 10.66 0.23 -22.05
C GLN A 304 10.15 0.45 -20.62
N PRO A 305 10.92 0.06 -19.61
CA PRO A 305 10.45 0.22 -18.23
C PRO A 305 10.36 1.67 -17.82
N VAL A 306 9.40 1.95 -16.93
CA VAL A 306 9.28 3.23 -16.24
C VAL A 306 9.77 3.03 -14.81
N HIS A 307 10.84 3.72 -14.45
CA HIS A 307 11.50 3.47 -13.18
C HIS A 307 10.98 4.40 -12.09
N PHE A 308 10.67 3.83 -10.93
CA PHE A 308 10.36 4.59 -9.72
C PHE A 308 11.61 4.58 -8.86
N SER A 309 12.25 5.73 -8.74
CA SER A 309 13.53 5.82 -8.04
C SER A 309 13.30 5.84 -6.53
N SER A 310 13.92 4.90 -5.83
CA SER A 310 13.88 4.85 -4.37
C SER A 310 15.17 5.38 -3.76
N LYS A 311 15.91 6.21 -4.49
CA LYS A 311 17.20 6.70 -4.01
C LYS A 311 17.07 7.34 -2.63
N LYS A 312 16.03 8.15 -2.43
CA LYS A 312 15.88 8.85 -1.16
C LYS A 312 15.79 7.87 0.00
N LEU A 313 15.04 6.78 -0.17
CA LEU A 313 14.94 5.79 0.89
C LEU A 313 16.24 5.03 1.08
N LEU A 314 16.90 4.67 -0.02
CA LEU A 314 18.15 3.92 0.07
C LEU A 314 19.28 4.77 0.61
N ASP A 315 19.28 6.08 0.33
CA ASP A 315 20.31 6.95 0.88
C ASP A 315 20.29 6.95 2.40
N LEU A 316 19.10 6.88 3.01
CA LEU A 316 18.99 6.84 4.45
C LEU A 316 19.58 5.55 5.03
N GLY A 317 19.74 4.51 4.22
CA GLY A 317 20.37 3.29 4.68
C GLY A 317 19.50 2.06 4.58
N PHE A 318 18.31 2.21 4.00
CA PHE A 318 17.43 1.06 3.81
C PHE A 318 17.92 0.24 2.61
N ALA A 319 17.68 -1.07 2.69
CA ALA A 319 18.04 -1.99 1.62
C ALA A 319 16.89 -2.97 1.39
N PHE A 320 16.55 -3.18 0.12
CA PHE A 320 15.54 -4.18 -0.21
C PHE A 320 16.11 -5.58 -0.04
N LYS A 321 15.25 -6.50 0.39
CA LYS A 321 15.67 -7.88 0.62
C LYS A 321 15.24 -8.83 -0.48
N TYR A 322 14.14 -8.55 -1.17
CA TYR A 322 13.51 -9.51 -2.06
C TYR A 322 13.57 -9.06 -3.51
N THR A 323 13.72 -10.04 -4.38
CA THR A 323 13.64 -9.85 -5.83
C THR A 323 12.23 -10.14 -6.32
N VAL A 324 11.97 -9.76 -7.58
CA VAL A 324 10.67 -10.06 -8.17
C VAL A 324 10.43 -11.56 -8.18
N GLU A 325 11.49 -12.35 -8.28
CA GLU A 325 11.36 -13.79 -8.19
C GLU A 325 10.89 -14.21 -6.80
N ASP A 326 11.45 -13.58 -5.75
CA ASP A 326 10.98 -13.85 -4.40
C ASP A 326 9.50 -13.51 -4.27
N MET A 327 9.09 -12.39 -4.84
CA MET A 327 7.69 -11.97 -4.75
C MET A 327 6.76 -13.03 -5.33
N TYR A 328 7.01 -13.45 -6.57
CA TYR A 328 6.10 -14.39 -7.23
C TYR A 328 6.17 -15.77 -6.61
N ASP A 329 7.34 -16.17 -6.11
CA ASP A 329 7.44 -17.44 -5.39
C ASP A 329 6.53 -17.43 -4.17
N ALA A 330 6.43 -16.28 -3.49
CA ALA A 330 5.63 -16.21 -2.27
C ALA A 330 4.14 -16.09 -2.60
N ALA A 331 3.81 -15.37 -3.67
CA ALA A 331 2.40 -15.17 -4.01
C ALA A 331 1.78 -16.45 -4.56
N ILE A 332 2.46 -17.11 -5.49
CA ILE A 332 1.93 -18.34 -6.08
C ILE A 332 1.71 -19.39 -5.00
N ARG A 333 2.63 -19.47 -4.03
CA ARG A 333 2.51 -20.48 -2.99
C ARG A 333 1.26 -20.25 -2.13
N THR A 334 1.17 -19.07 -1.52
CA THR A 334 0.01 -18.78 -0.68
C THR A 334 -1.28 -18.93 -1.45
N CYS A 335 -1.31 -18.45 -2.70
CA CYS A 335 -2.50 -18.62 -3.52
C CYS A 335 -2.73 -20.09 -3.85
N ARG A 336 -1.66 -20.84 -4.05
CA ARG A 336 -1.80 -22.24 -4.44
C ARG A 336 -2.48 -22.97 -3.32
N GLU A 337 -2.35 -22.46 -2.11
CA GLU A 337 -3.03 -23.07 -1.01
C GLU A 337 -4.48 -22.63 -0.99
N LYS A 338 -5.10 -22.43 -2.16
CA LYS A 338 -6.52 -22.04 -2.26
C LYS A 338 -7.00 -21.45 -3.58
N GLY A 339 -6.85 -20.15 -3.79
CA GLY A 339 -7.39 -19.48 -4.96
C GLY A 339 -6.83 -19.44 -6.36
N LEU A 340 -5.85 -20.27 -6.66
CA LEU A 340 -5.35 -20.34 -8.02
C LEU A 340 -5.05 -21.78 -8.34
N ILE A 341 -4.90 -22.07 -9.62
CA ILE A 341 -4.63 -23.42 -10.02
C ILE A 341 -3.16 -23.69 -9.91
N PRO A 342 -2.81 -24.95 -9.65
CA PRO A 342 -1.40 -25.32 -9.59
C PRO A 342 -0.87 -25.55 -10.95
N LEU A 343 -1.73 -25.86 -11.92
CA LEU A 343 -1.30 -26.13 -13.30
C LEU A 343 0.17 -25.95 -13.47
PA NAP B . -7.24 -3.70 1.38
O1A NAP B . -6.76 -5.15 1.54
O2A NAP B . -8.63 -3.67 0.91
O5B NAP B . -7.14 -2.93 2.89
C5B NAP B . -7.49 -1.60 3.08
C4B NAP B . -8.29 -1.34 4.31
O4B NAP B . -8.92 -0.21 4.27
C3B NAP B . -9.44 -2.50 4.54
O3B NAP B . -9.03 -3.35 5.72
C2B NAP B . -10.51 -1.91 4.80
O2B NAP B . -11.26 -2.59 5.95
C1B NAP B . -10.10 -0.43 5.20
N9A NAP B . -11.09 0.44 4.98
C8A NAP B . -11.80 0.79 3.90
N7A NAP B . -12.67 1.74 4.28
C5A NAP B . -12.50 1.98 5.56
C6A NAP B . -13.13 2.83 6.44
N6A NAP B . -14.20 3.75 6.13
N1A NAP B . -12.77 2.87 7.71
C2A NAP B . -11.75 2.05 8.15
N3A NAP B . -11.14 1.21 7.29
C4A NAP B . -11.51 1.16 6.00
O3 NAP B . -6.30 -2.99 0.34
PN NAP B . -4.60 -2.77 0.57
O1N NAP B . -4.15 -3.47 1.80
O2N NAP B . -3.84 -3.34 -0.59
O5D NAP B . -4.31 -1.13 0.69
C5D NAP B . -3.56 -0.70 1.73
C4D NAP B . -3.04 0.70 1.57
O4D NAP B . -1.96 0.52 0.83
C3D NAP B . -4.01 1.60 0.76
O3D NAP B . -3.96 2.84 1.22
C2D NAP B . -3.46 1.54 -0.70
O2D NAP B . -3.80 2.79 -1.39
C1D NAP B . -2.16 1.43 -0.52
N1N NAP B . -1.52 0.79 -1.60
C2N NAP B . -1.65 -0.55 -1.81
C3N NAP B . -1.03 -1.14 -2.91
C7N NAP B . -1.16 -2.66 -3.18
O7N NAP B . -0.72 -3.09 -4.16
N7N NAP B . -1.79 -3.56 -2.19
C4N NAP B . -0.28 -0.39 -3.74
C5N NAP B . -0.13 0.96 -3.51
C6N NAP B . -0.76 1.54 -2.44
P2B NAP B . -12.71 -3.36 5.60
O1X NAP B . -12.51 -4.84 5.46
O2X NAP B . -13.71 -3.07 6.76
O3X NAP B . -13.29 -2.80 4.31
H51A NAP B . -6.61 -1.04 3.13
H52A NAP B . -8.04 -1.29 2.24
H4B NAP B . -7.63 -1.33 5.13
H3B NAP B . -9.57 -3.10 3.61
HO3A NAP B . -8.70 -2.76 6.44
H2B NAP B . -11.14 -1.89 3.92
H1B NAP B . -9.85 -0.35 6.18
H8A NAP B . -11.70 0.41 2.95
H61A NAP B . -14.84 3.54 5.42
H62A NAP B . -14.30 4.66 6.68
H2A NAP B . -11.43 2.08 9.23
H51N NAP B . -2.76 -1.34 1.84
H52N NAP B . -4.15 -0.74 2.58
H4D NAP B . -2.89 1.21 2.46
H3D NAP B . -4.98 1.24 0.80
HO3N NAP B . -4.59 2.92 1.96
H2D NAP B . -3.82 0.74 -1.22
HO2N NAP B . -4.71 3.04 -1.20
H1D NAP B . -1.73 2.45 -0.38
H2N NAP B . -2.26 -1.16 -1.12
H71N NAP B . -2.15 -3.20 -1.30
H72N NAP B . -1.85 -4.53 -2.37
H4N NAP B . 0.23 -0.87 -4.63
H5N NAP B . 0.46 1.55 -4.16
H6N NAP B . -0.65 2.57 -2.26
#